data_6PF2
#
_entry.id   6PF2
#
_cell.length_a   37.136
_cell.length_b   44.607
_cell.length_c   262.356
_cell.angle_alpha   90.000
_cell.angle_beta   90.000
_cell.angle_gamma   90.000
#
_symmetry.space_group_name_H-M   'P 21 21 21'
#
loop_
_entity.id
_entity.type
_entity.pdbx_description
1 polymer 'Myosin, heavy polypeptide 7, cardiac muscle, beta variant'
2 non-polymer 1,2-ETHANEDIOL
3 water water
#
_entity_poly.entity_id   1
_entity_poly.type   'polypeptide(L)'
_entity_poly.pdbx_seq_one_letter_code
;GGSGPLKPEEHEDILNKLLDPELAQSERTEALQQLRVNYGSFVSEYNDLTKEKSEFKLELDDVTSNMEQIIKAKANLEKM
CRTLEDQMNEHRSKAEETQRSVNDLTSQVEDLEKERDFYFGKLRNIELICQENEGENDPVLQRIVDILYATDEGFVIPD
;
_entity_poly.pdbx_strand_id   A,B
#
# COMPACT_ATOMS: atom_id res chain seq x y z
N SER A 3 -52.41 -17.08 -11.83
CA SER A 3 -51.56 -17.77 -12.80
C SER A 3 -50.70 -18.81 -12.10
N GLY A 4 -49.73 -19.36 -12.82
CA GLY A 4 -48.91 -20.43 -12.31
C GLY A 4 -49.58 -21.77 -12.50
N PRO A 5 -48.86 -22.86 -12.20
CA PRO A 5 -49.42 -24.20 -12.39
C PRO A 5 -50.48 -24.55 -11.35
N LEU A 6 -51.39 -25.44 -11.76
CA LEU A 6 -52.39 -25.98 -10.84
C LEU A 6 -51.74 -26.51 -9.58
N LYS A 7 -52.41 -26.34 -8.44
CA LYS A 7 -51.97 -26.99 -7.22
C LYS A 7 -52.21 -28.50 -7.34
N PRO A 8 -51.52 -29.31 -6.52
CA PRO A 8 -51.79 -30.75 -6.56
C PRO A 8 -53.26 -31.10 -6.35
N GLU A 9 -54.01 -30.25 -5.63
CA GLU A 9 -55.40 -30.54 -5.32
C GLU A 9 -56.33 -30.19 -6.47
N GLU A 10 -56.09 -29.06 -7.14
CA GLU A 10 -56.85 -28.75 -8.33
C GLU A 10 -56.57 -29.77 -9.43
N HIS A 11 -55.32 -30.25 -9.51
CA HIS A 11 -54.97 -31.27 -10.48
C HIS A 11 -55.74 -32.57 -10.21
N GLU A 12 -55.84 -32.97 -8.94
CA GLU A 12 -56.56 -34.21 -8.65
C GLU A 12 -58.07 -34.05 -8.86
N ASP A 13 -58.63 -32.87 -8.56
CA ASP A 13 -60.06 -32.67 -8.81
C ASP A 13 -60.37 -32.72 -10.30
N ILE A 14 -59.48 -32.17 -11.12
CA ILE A 14 -59.68 -32.23 -12.57
C ILE A 14 -59.51 -33.67 -13.06
N LEU A 15 -58.53 -34.38 -12.51
CA LEU A 15 -58.33 -35.78 -12.89
C LEU A 15 -59.53 -36.63 -12.49
N ASN A 16 -60.19 -36.27 -11.38
CA ASN A 16 -61.36 -36.98 -10.94
C ASN A 16 -62.57 -36.67 -11.83
N LYS A 17 -62.72 -35.42 -12.24
CA LYS A 17 -63.79 -35.06 -13.17
C LYS A 17 -63.63 -35.80 -14.49
N LEU A 18 -62.39 -35.86 -14.99
CA LEU A 18 -62.12 -36.59 -16.22
C LEU A 18 -62.52 -38.06 -16.10
N LEU A 19 -62.29 -38.66 -14.93
CA LEU A 19 -62.56 -40.08 -14.71
C LEU A 19 -63.98 -40.37 -14.24
N ASP A 20 -64.84 -39.36 -14.12
CA ASP A 20 -66.19 -39.53 -13.57
C ASP A 20 -67.15 -39.91 -14.69
N PRO A 21 -67.64 -41.15 -14.75
CA PRO A 21 -68.57 -41.52 -15.84
C PRO A 21 -69.90 -40.80 -15.77
N GLU A 22 -70.34 -40.38 -14.58
CA GLU A 22 -71.60 -39.65 -14.46
C GLU A 22 -71.58 -38.32 -15.19
N LEU A 23 -70.39 -37.81 -15.51
CA LEU A 23 -70.28 -36.51 -16.15
C LEU A 23 -70.60 -36.59 -17.63
N ALA A 24 -71.16 -35.50 -18.15
CA ALA A 24 -71.29 -35.32 -19.59
C ALA A 24 -69.92 -35.41 -20.24
N GLN A 25 -69.86 -36.07 -21.40
CA GLN A 25 -68.57 -36.27 -22.04
C GLN A 25 -67.93 -34.98 -22.55
N SER A 26 -68.70 -33.90 -22.69
CA SER A 26 -68.07 -32.60 -22.92
C SER A 26 -67.31 -32.14 -21.69
N GLU A 27 -67.91 -32.34 -20.52
CA GLU A 27 -67.30 -31.93 -19.26
C GLU A 27 -66.00 -32.68 -19.00
N ARG A 28 -65.93 -33.95 -19.41
CA ARG A 28 -64.71 -34.74 -19.25
C ARG A 28 -63.65 -34.33 -20.27
N THR A 29 -64.08 -33.95 -21.48
CA THR A 29 -63.13 -33.38 -22.44
C THR A 29 -62.53 -32.09 -21.93
N GLU A 30 -63.32 -31.28 -21.22
CA GLU A 30 -62.80 -30.03 -20.66
C GLU A 30 -61.74 -30.32 -19.60
N ALA A 31 -61.98 -31.29 -18.72
CA ALA A 31 -60.96 -31.70 -17.76
C ALA A 31 -59.67 -32.09 -18.45
N LEU A 32 -59.78 -32.78 -19.60
CA LEU A 32 -58.60 -33.23 -20.33
C LEU A 32 -57.80 -32.07 -20.89
N GLN A 33 -58.47 -31.10 -21.53
CA GLN A 33 -57.75 -29.97 -22.10
C GLN A 33 -57.01 -29.17 -21.02
N GLN A 34 -57.59 -29.07 -19.83
CA GLN A 34 -56.94 -28.33 -18.75
C GLN A 34 -55.66 -29.04 -18.31
N LEU A 35 -55.73 -30.37 -18.14
CA LEU A 35 -54.53 -31.12 -17.78
C LEU A 35 -53.45 -30.96 -18.84
N ARG A 36 -53.85 -30.96 -20.12
CA ARG A 36 -52.93 -30.86 -21.24
C ARG A 36 -52.22 -29.51 -21.25
N VAL A 37 -53.00 -28.43 -21.18
CA VAL A 37 -52.43 -27.08 -21.32
C VAL A 37 -51.64 -26.73 -20.07
N ASN A 38 -52.12 -27.16 -18.90
CA ASN A 38 -51.34 -26.96 -17.68
C ASN A 38 -49.99 -27.65 -17.77
N TYR A 39 -49.97 -28.91 -18.22
CA TYR A 39 -48.70 -29.63 -18.19
C TYR A 39 -47.72 -29.05 -19.19
N GLY A 40 -48.20 -28.67 -20.38
CA GLY A 40 -47.32 -28.09 -21.38
C GLY A 40 -46.64 -26.83 -20.89
N SER A 41 -47.38 -25.96 -20.19
CA SER A 41 -46.76 -24.76 -19.65
C SER A 41 -45.86 -25.08 -18.47
N PHE A 42 -46.31 -25.98 -17.58
CA PHE A 42 -45.54 -26.32 -16.39
C PHE A 42 -44.16 -26.82 -16.77
N VAL A 43 -44.09 -27.78 -17.71
CA VAL A 43 -42.82 -28.37 -18.10
C VAL A 43 -41.86 -27.31 -18.64
N SER A 44 -42.38 -26.37 -19.45
CA SER A 44 -41.52 -25.35 -20.02
C SER A 44 -41.02 -24.39 -18.95
N GLU A 45 -41.93 -23.93 -18.07
N GLU A 45 -41.91 -23.94 -18.07
CA GLU A 45 -41.53 -23.06 -16.97
CA GLU A 45 -41.49 -23.04 -16.98
C GLU A 45 -40.55 -23.78 -16.05
C GLU A 45 -40.59 -23.76 -16.00
N TYR A 46 -40.77 -25.09 -15.83
CA TYR A 46 -39.87 -25.85 -14.97
C TYR A 46 -38.46 -25.94 -15.57
N ASN A 47 -38.36 -26.18 -16.88
CA ASN A 47 -37.05 -26.25 -17.51
C ASN A 47 -36.38 -24.88 -17.55
N ASP A 48 -37.16 -23.80 -17.61
CA ASP A 48 -36.59 -22.46 -17.55
C ASP A 48 -36.05 -22.15 -16.17
N LEU A 49 -36.85 -22.45 -15.13
CA LEU A 49 -36.38 -22.27 -13.76
C LEU A 49 -35.15 -23.12 -13.49
N THR A 50 -35.16 -24.36 -13.96
CA THR A 50 -34.05 -25.27 -13.70
C THR A 50 -32.73 -24.72 -14.23
N LYS A 51 -32.70 -24.31 -15.49
CA LYS A 51 -31.43 -23.84 -16.06
C LYS A 51 -31.07 -22.47 -15.52
N GLU A 52 -32.06 -21.59 -15.39
CA GLU A 52 -31.82 -20.24 -14.93
C GLU A 52 -31.39 -20.20 -13.47
N LYS A 53 -31.71 -21.23 -12.68
CA LYS A 53 -31.13 -21.30 -11.34
C LYS A 53 -29.70 -21.82 -11.40
N SER A 54 -29.39 -22.75 -12.31
CA SER A 54 -28.04 -23.28 -12.36
C SER A 54 -27.05 -22.23 -12.81
N GLU A 55 -27.50 -21.19 -13.52
CA GLU A 55 -26.61 -20.12 -13.95
C GLU A 55 -26.56 -18.97 -12.94
N PHE A 56 -27.47 -18.92 -11.98
CA PHE A 56 -27.23 -18.10 -10.81
C PHE A 56 -26.17 -18.74 -9.92
N LYS A 57 -26.17 -20.07 -9.85
CA LYS A 57 -25.31 -20.75 -8.91
C LYS A 57 -23.84 -20.60 -9.28
N LEU A 58 -23.50 -20.78 -10.55
CA LEU A 58 -22.09 -20.69 -10.94
C LEU A 58 -21.62 -19.25 -11.04
N GLU A 59 -22.51 -18.32 -11.42
CA GLU A 59 -22.15 -16.91 -11.39
C GLU A 59 -21.90 -16.46 -9.95
N LEU A 60 -22.73 -16.91 -9.02
CA LEU A 60 -22.53 -16.59 -7.61
C LEU A 60 -21.24 -17.22 -7.09
N ASP A 61 -21.04 -18.52 -7.33
CA ASP A 61 -19.83 -19.19 -6.87
C ASP A 61 -18.58 -18.56 -7.49
N ASP A 62 -18.71 -18.02 -8.70
CA ASP A 62 -17.59 -17.34 -9.35
C ASP A 62 -17.30 -16.00 -8.67
N VAL A 63 -18.31 -15.12 -8.60
CA VAL A 63 -18.08 -13.80 -8.04
C VAL A 63 -17.69 -13.90 -6.57
N THR A 64 -18.23 -14.89 -5.87
CA THR A 64 -17.85 -15.08 -4.48
C THR A 64 -16.37 -15.40 -4.35
N SER A 65 -15.84 -16.27 -5.21
CA SER A 65 -14.43 -16.63 -5.13
C SER A 65 -13.52 -15.47 -5.53
N ASN A 66 -13.91 -14.72 -6.57
CA ASN A 66 -13.18 -13.49 -6.90
C ASN A 66 -13.22 -12.51 -5.73
N MET A 67 -14.30 -12.51 -4.95
CA MET A 67 -14.34 -11.65 -3.76
C MET A 67 -13.41 -12.15 -2.67
N GLU A 68 -13.19 -13.46 -2.58
CA GLU A 68 -12.28 -13.99 -1.56
C GLU A 68 -10.87 -13.45 -1.74
N GLN A 69 -10.36 -13.44 -2.98
CA GLN A 69 -8.98 -12.98 -3.16
C GLN A 69 -8.89 -11.46 -3.07
N ILE A 70 -9.83 -10.73 -3.66
CA ILE A 70 -9.78 -9.27 -3.65
C ILE A 70 -9.75 -8.73 -2.22
N ILE A 71 -10.42 -9.42 -1.30
CA ILE A 71 -10.45 -9.02 0.10
C ILE A 71 -9.08 -9.21 0.75
N LYS A 72 -8.45 -10.37 0.49
CA LYS A 72 -7.08 -10.57 0.96
C LYS A 72 -6.13 -9.55 0.33
N ALA A 73 -6.34 -9.24 -0.95
CA ALA A 73 -5.45 -8.33 -1.64
C ALA A 73 -5.55 -6.92 -1.07
N LYS A 74 -6.78 -6.48 -0.79
CA LYS A 74 -6.97 -5.14 -0.25
C LYS A 74 -6.43 -5.03 1.16
N ALA A 75 -6.68 -6.04 2.01
CA ALA A 75 -6.11 -6.07 3.35
C ALA A 75 -4.60 -5.92 3.32
N ASN A 76 -3.93 -6.67 2.43
CA ASN A 76 -2.48 -6.56 2.32
C ASN A 76 -2.05 -5.14 1.94
N LEU A 77 -2.79 -4.48 1.03
CA LEU A 77 -2.49 -3.09 0.70
C LEU A 77 -2.59 -2.18 1.91
N GLU A 78 -3.60 -2.40 2.77
CA GLU A 78 -3.76 -1.55 3.95
C GLU A 78 -2.56 -1.68 4.90
N LYS A 79 -2.02 -2.89 5.02
CA LYS A 79 -0.82 -3.10 5.83
C LYS A 79 0.40 -2.37 5.23
N MET A 80 0.46 -2.25 3.90
CA MET A 80 1.61 -1.59 3.31
C MET A 80 1.51 -0.08 3.51
N CYS A 81 0.32 0.48 3.34
CA CYS A 81 0.13 1.91 3.61
C CYS A 81 0.51 2.26 5.04
N ARG A 82 0.13 1.43 6.02
CA ARG A 82 0.51 1.69 7.41
C ARG A 82 2.02 1.63 7.57
N THR A 83 2.65 0.62 6.98
CA THR A 83 4.10 0.53 7.03
C THR A 83 4.74 1.73 6.33
N LEU A 84 4.22 2.11 5.17
CA LEU A 84 4.84 3.20 4.43
C LEU A 84 4.68 4.52 5.14
N GLU A 85 3.57 4.73 5.84
CA GLU A 85 3.42 5.99 6.55
C GLU A 85 4.40 6.07 7.71
N ASP A 86 4.59 4.96 8.44
CA ASP A 86 5.57 4.95 9.51
C ASP A 86 6.98 5.19 8.97
N GLN A 87 7.27 4.65 7.78
CA GLN A 87 8.60 4.85 7.21
C GLN A 87 8.79 6.29 6.73
N MET A 88 7.76 6.86 6.09
CA MET A 88 7.84 8.25 5.66
C MET A 88 8.03 9.18 6.86
N ASN A 89 7.25 8.98 7.92
CA ASN A 89 7.37 9.85 9.08
C ASN A 89 8.74 9.69 9.74
N GLU A 90 9.23 8.46 9.83
CA GLU A 90 10.56 8.25 10.41
C GLU A 90 11.63 8.98 9.61
N HIS A 91 11.57 8.91 8.28
CA HIS A 91 12.59 9.57 7.47
C HIS A 91 12.43 11.09 7.49
N ARG A 92 11.18 11.57 7.49
CA ARG A 92 10.93 13.00 7.58
C ARG A 92 11.52 13.56 8.87
N SER A 93 11.19 12.93 9.99
CA SER A 93 11.74 13.35 11.27
C SER A 93 13.27 13.31 11.27
N LYS A 94 13.85 12.29 10.66
CA LYS A 94 15.31 12.24 10.60
C LYS A 94 15.87 13.37 9.72
N ALA A 95 15.19 13.65 8.60
CA ALA A 95 15.71 14.66 7.66
C ALA A 95 15.67 16.06 8.26
N GLU A 96 14.56 16.42 8.91
CA GLU A 96 14.44 17.73 9.54
C GLU A 96 15.52 17.93 10.59
N GLU A 97 15.73 16.94 11.44
CA GLU A 97 16.66 17.07 12.54
C GLU A 97 18.11 17.09 12.03
N THR A 98 18.41 16.29 11.02
CA THR A 98 19.75 16.25 10.47
C THR A 98 20.06 17.55 9.70
N GLN A 99 19.03 18.17 9.10
CA GLN A 99 19.19 19.48 8.46
C GLN A 99 19.51 20.58 9.46
N ARG A 100 18.84 20.56 10.61
CA ARG A 100 19.20 21.48 11.68
C ARG A 100 20.66 21.28 12.10
N SER A 101 21.10 20.02 12.18
CA SER A 101 22.48 19.75 12.52
C SER A 101 23.44 20.29 11.45
N VAL A 102 23.03 20.23 10.17
CA VAL A 102 23.78 20.83 9.06
C VAL A 102 23.93 22.35 9.25
N ASN A 103 22.82 23.02 9.56
CA ASN A 103 22.86 24.47 9.74
C ASN A 103 23.79 24.85 10.89
N ASP A 104 23.74 24.07 11.98
CA ASP A 104 24.61 24.27 13.13
C ASP A 104 26.08 24.16 12.74
N LEU A 105 26.45 23.05 12.07
CA LEU A 105 27.84 22.79 11.69
C LEU A 105 28.33 23.81 10.67
N THR A 106 27.45 24.25 9.78
CA THR A 106 27.78 25.28 8.83
C THR A 106 28.18 26.56 9.55
N SER A 107 27.39 26.96 10.58
CA SER A 107 27.74 28.10 11.41
C SER A 107 29.08 27.87 12.14
N GLN A 108 29.31 26.65 12.63
CA GLN A 108 30.57 26.34 13.29
C GLN A 108 31.76 26.51 12.36
N VAL A 109 31.59 26.06 11.10
CA VAL A 109 32.69 26.14 10.15
C VAL A 109 33.00 27.60 9.85
N GLU A 110 31.97 28.44 9.74
CA GLU A 110 32.18 29.87 9.55
C GLU A 110 32.95 30.48 10.70
N ASP A 111 32.53 30.16 11.93
CA ASP A 111 33.14 30.79 13.10
C ASP A 111 34.58 30.30 13.30
N LEU A 112 34.86 29.04 12.97
CA LEU A 112 36.23 28.53 13.09
C LEU A 112 37.13 29.11 12.01
N GLU A 113 36.61 29.22 10.78
CA GLU A 113 37.38 29.79 9.69
C GLU A 113 37.82 31.23 10.00
N LYS A 114 36.91 32.03 10.55
CA LYS A 114 37.26 33.41 10.89
C LYS A 114 38.36 33.47 11.96
N GLU A 115 38.33 32.52 12.90
CA GLU A 115 39.35 32.51 13.94
C GLU A 115 40.66 31.94 13.39
N ARG A 116 40.55 30.87 12.60
CA ARG A 116 41.72 30.32 11.91
C ARG A 116 42.39 31.38 11.04
N ASP A 117 41.60 32.09 10.23
CA ASP A 117 42.16 33.11 9.32
C ASP A 117 42.86 34.22 10.08
N PHE A 118 42.32 34.58 11.26
CA PHE A 118 42.90 35.64 12.07
C PHE A 118 44.31 35.27 12.53
N TYR A 119 44.46 34.04 13.04
CA TYR A 119 45.78 33.61 13.49
C TYR A 119 46.72 33.42 12.32
N PHE A 120 46.18 32.91 11.20
CA PHE A 120 47.00 32.69 10.02
C PHE A 120 47.62 33.98 9.52
N GLY A 121 46.80 35.02 9.41
CA GLY A 121 47.31 36.30 8.95
C GLY A 121 48.38 36.86 9.87
N LYS A 122 48.21 36.70 11.18
CA LYS A 122 49.26 37.08 12.12
C LYS A 122 50.55 36.31 11.85
N LEU A 123 50.45 35.00 11.64
CA LEU A 123 51.66 34.22 11.41
C LEU A 123 52.28 34.58 10.06
N ARG A 124 51.43 34.82 9.06
CA ARG A 124 51.92 35.20 7.74
C ARG A 124 52.60 36.57 7.76
N ASN A 125 52.05 37.53 8.49
CA ASN A 125 52.71 38.83 8.60
C ASN A 125 54.10 38.69 9.23
N ILE A 126 54.20 37.88 10.28
CA ILE A 126 55.48 37.70 10.96
C ILE A 126 56.48 36.98 10.05
N GLU A 127 56.01 35.99 9.27
CA GLU A 127 56.86 35.33 8.27
C GLU A 127 57.41 36.35 7.28
N LEU A 128 56.55 37.25 6.80
CA LEU A 128 56.98 38.25 5.82
C LEU A 128 57.99 39.22 6.44
N ILE A 129 57.77 39.61 7.69
CA ILE A 129 58.73 40.45 8.40
C ILE A 129 60.05 39.73 8.57
N CYS A 130 60.01 38.47 9.04
CA CYS A 130 61.26 37.74 9.18
C CYS A 130 61.96 37.57 7.83
N GLN A 131 61.16 37.35 6.77
CA GLN A 131 61.74 37.14 5.44
C GLN A 131 62.55 38.35 5.00
N GLU A 132 62.06 39.55 5.32
CA GLU A 132 62.77 40.79 4.99
C GLU A 132 64.12 40.90 5.68
N ASN A 133 64.29 40.23 6.82
CA ASN A 133 65.51 40.36 7.61
C ASN A 133 66.38 39.10 7.61
N GLU A 134 66.14 38.18 6.66
CA GLU A 134 66.85 36.90 6.65
C GLU A 134 68.36 37.10 6.61
N GLY A 135 68.82 38.11 5.87
CA GLY A 135 70.25 38.29 5.69
C GLY A 135 70.99 38.71 6.93
N GLU A 136 70.27 39.16 7.96
CA GLU A 136 70.90 39.58 9.20
C GLU A 136 71.34 38.39 10.05
N ASN A 137 70.72 37.22 9.86
CA ASN A 137 70.97 36.03 10.67
C ASN A 137 70.84 36.34 12.17
N ASP A 138 69.79 37.07 12.53
CA ASP A 138 69.57 37.33 13.95
C ASP A 138 69.13 36.05 14.64
N PRO A 139 69.72 35.70 15.79
CA PRO A 139 69.35 34.45 16.44
C PRO A 139 67.93 34.42 16.95
N VAL A 140 67.37 35.57 17.36
CA VAL A 140 66.00 35.58 17.85
C VAL A 140 65.03 35.37 16.70
N LEU A 141 65.24 36.09 15.60
CA LEU A 141 64.44 35.86 14.41
C LEU A 141 64.55 34.42 13.95
N GLN A 142 65.72 33.79 14.11
CA GLN A 142 65.83 32.41 13.68
C GLN A 142 65.04 31.47 14.59
N ARG A 143 64.95 31.77 15.90
CA ARG A 143 64.08 30.96 16.75
C ARG A 143 62.63 31.08 16.30
N ILE A 144 62.20 32.29 15.97
CA ILE A 144 60.83 32.54 15.53
C ILE A 144 60.58 31.80 14.22
N VAL A 145 61.55 31.84 13.31
CA VAL A 145 61.40 31.17 12.01
C VAL A 145 61.26 29.67 12.19
N ASP A 146 61.96 29.09 13.17
CA ASP A 146 61.83 27.65 13.45
C ASP A 146 60.41 27.31 13.87
N ILE A 147 59.78 28.16 14.66
CA ILE A 147 58.36 27.95 14.99
C ILE A 147 57.48 28.11 13.75
N LEU A 148 57.73 29.16 12.97
CA LEU A 148 56.85 29.46 11.84
C LEU A 148 56.74 28.27 10.88
N TYR A 149 57.85 27.60 10.60
CA TYR A 149 57.87 26.54 9.62
C TYR A 149 57.83 25.14 10.25
N ALA A 150 57.65 25.06 11.57
CA ALA A 150 57.49 23.77 12.21
C ALA A 150 56.20 23.09 11.79
N THR A 151 56.29 21.80 11.51
CA THR A 151 55.15 20.97 11.13
C THR A 151 54.39 20.51 12.38
N ASP A 152 53.20 19.92 12.16
CA ASP A 152 52.39 19.46 13.29
C ASP A 152 52.95 18.20 13.94
N GLU A 153 54.03 17.65 13.41
CA GLU A 153 54.78 16.61 14.11
C GLU A 153 56.00 17.16 14.84
N GLY A 154 56.60 18.23 14.35
CA GLY A 154 57.63 18.95 15.06
C GLY A 154 57.12 20.04 15.98
N PHE A 155 55.79 20.13 16.15
CA PHE A 155 55.18 21.14 17.03
C PHE A 155 53.87 20.54 17.54
N VAL A 156 54.00 19.65 18.51
CA VAL A 156 52.82 18.94 19.02
C VAL A 156 51.95 19.90 19.82
N ILE A 157 50.65 19.78 19.62
CA ILE A 157 49.63 20.49 20.39
C ILE A 157 49.01 19.48 21.36
N PRO A 158 48.84 19.81 22.63
CA PRO A 158 48.37 18.83 23.60
C PRO A 158 46.87 18.59 23.44
N ASP A 159 46.42 17.48 24.04
CA ASP A 159 45.00 17.15 24.05
C ASP A 159 44.36 17.64 25.34
N GLY B 4 -36.01 -36.42 -13.88
CA GLY B 4 -36.79 -35.38 -14.52
C GLY B 4 -38.28 -35.68 -14.68
N PRO B 5 -39.08 -34.65 -14.91
CA PRO B 5 -40.52 -34.87 -15.10
C PRO B 5 -40.81 -35.42 -16.47
N LEU B 6 -42.00 -36.03 -16.59
CA LEU B 6 -42.45 -36.54 -17.88
C LEU B 6 -42.43 -35.43 -18.93
N LYS B 7 -42.11 -35.82 -20.16
CA LYS B 7 -42.23 -34.91 -21.26
C LYS B 7 -43.69 -34.77 -21.67
N PRO B 8 -44.04 -33.68 -22.35
CA PRO B 8 -45.44 -33.52 -22.81
C PRO B 8 -45.96 -34.68 -23.65
N GLU B 9 -45.12 -35.28 -24.50
CA GLU B 9 -45.58 -36.40 -25.33
C GLU B 9 -45.77 -37.67 -24.48
N GLU B 10 -44.93 -37.87 -23.47
CA GLU B 10 -45.11 -39.00 -22.56
C GLU B 10 -46.34 -38.82 -21.69
N HIS B 11 -46.52 -37.62 -21.14
CA HIS B 11 -47.73 -37.26 -20.43
C HIS B 11 -48.98 -37.49 -21.28
N GLU B 12 -48.92 -37.11 -22.55
CA GLU B 12 -50.08 -37.28 -23.43
C GLU B 12 -50.33 -38.75 -23.75
N ASP B 13 -49.26 -39.53 -23.94
CA ASP B 13 -49.47 -40.94 -24.21
C ASP B 13 -50.05 -41.65 -22.98
N ILE B 14 -49.62 -41.24 -21.78
CA ILE B 14 -50.18 -41.83 -20.56
C ILE B 14 -51.65 -41.44 -20.40
N LEU B 15 -51.98 -40.19 -20.71
CA LEU B 15 -53.38 -39.76 -20.74
C LEU B 15 -54.22 -40.70 -21.61
N ASN B 16 -53.68 -41.11 -22.77
CA ASN B 16 -54.44 -41.96 -23.67
C ASN B 16 -54.64 -43.36 -23.10
N LYS B 17 -53.60 -43.94 -22.49
CA LYS B 17 -53.75 -45.25 -21.87
C LYS B 17 -54.79 -45.21 -20.75
N LEU B 18 -54.77 -44.13 -19.97
CA LEU B 18 -55.69 -43.95 -18.87
C LEU B 18 -57.14 -44.08 -19.33
N LEU B 19 -57.42 -43.60 -20.53
CA LEU B 19 -58.79 -43.52 -21.02
C LEU B 19 -59.14 -44.64 -22.00
N ASP B 20 -58.24 -45.61 -22.18
CA ASP B 20 -58.42 -46.67 -23.18
C ASP B 20 -59.16 -47.86 -22.56
N PRO B 21 -60.44 -48.07 -22.88
CA PRO B 21 -61.16 -49.23 -22.33
C PRO B 21 -60.72 -50.56 -22.89
N GLU B 22 -60.03 -50.56 -24.04
CA GLU B 22 -59.42 -51.78 -24.55
C GLU B 22 -58.35 -52.32 -23.60
N LEU B 23 -57.70 -51.43 -22.87
CA LEU B 23 -56.62 -51.85 -22.00
C LEU B 23 -57.15 -52.56 -20.76
N ALA B 24 -56.25 -53.29 -20.10
CA ALA B 24 -56.55 -53.84 -18.79
C ALA B 24 -56.82 -52.72 -17.80
N GLN B 25 -57.73 -53.01 -16.86
CA GLN B 25 -57.93 -52.12 -15.72
C GLN B 25 -56.60 -51.77 -15.05
N SER B 26 -55.72 -52.77 -14.90
CA SER B 26 -54.43 -52.52 -14.27
C SER B 26 -53.60 -51.50 -15.04
N GLU B 27 -53.72 -51.49 -16.37
CA GLU B 27 -52.93 -50.58 -17.19
C GLU B 27 -53.42 -49.16 -17.03
N ARG B 28 -54.74 -48.96 -17.01
CA ARG B 28 -55.26 -47.62 -16.79
C ARG B 28 -54.94 -47.14 -15.38
N THR B 29 -54.99 -48.04 -14.40
CA THR B 29 -54.66 -47.65 -13.02
C THR B 29 -53.19 -47.25 -12.89
N GLU B 30 -52.30 -47.96 -13.58
CA GLU B 30 -50.89 -47.58 -13.59
C GLU B 30 -50.70 -46.21 -14.22
N ALA B 31 -51.34 -45.98 -15.36
CA ALA B 31 -51.26 -44.67 -16.02
C ALA B 31 -51.71 -43.56 -15.09
N LEU B 32 -52.79 -43.79 -14.33
CA LEU B 32 -53.27 -42.77 -13.40
C LEU B 32 -52.22 -42.45 -12.34
N GLN B 33 -51.61 -43.49 -11.75
CA GLN B 33 -50.65 -43.24 -10.67
C GLN B 33 -49.38 -42.56 -11.19
N GLN B 34 -49.01 -42.83 -12.44
CA GLN B 34 -47.88 -42.14 -13.06
C GLN B 34 -48.15 -40.65 -13.20
N LEU B 35 -49.32 -40.28 -13.75
CA LEU B 35 -49.70 -38.86 -13.82
C LEU B 35 -49.72 -38.22 -12.44
N ARG B 36 -50.29 -38.92 -11.45
CA ARG B 36 -50.42 -38.37 -10.11
C ARG B 36 -49.07 -38.11 -9.47
N VAL B 37 -48.22 -39.15 -9.41
CA VAL B 37 -46.96 -39.03 -8.69
C VAL B 37 -46.01 -38.11 -9.46
N ASN B 38 -46.07 -38.15 -10.80
CA ASN B 38 -45.25 -37.22 -11.58
C ASN B 38 -45.60 -35.77 -11.24
N TYR B 39 -46.91 -35.46 -11.15
CA TYR B 39 -47.29 -34.07 -10.93
C TYR B 39 -46.96 -33.64 -9.50
N GLY B 40 -47.28 -34.49 -8.52
CA GLY B 40 -46.99 -34.14 -7.14
C GLY B 40 -45.50 -33.95 -6.88
N SER B 41 -44.68 -34.84 -7.46
CA SER B 41 -43.24 -34.77 -7.26
C SER B 41 -42.67 -33.46 -7.80
N PHE B 42 -43.14 -33.04 -8.97
CA PHE B 42 -42.43 -31.97 -9.67
C PHE B 42 -43.10 -30.61 -9.54
N VAL B 43 -44.38 -30.57 -9.18
CA VAL B 43 -44.91 -29.30 -8.73
C VAL B 43 -44.27 -28.89 -7.40
N SER B 44 -43.81 -29.87 -6.62
CA SER B 44 -43.09 -29.54 -5.40
C SER B 44 -41.67 -29.08 -5.69
N GLU B 45 -40.97 -29.76 -6.59
CA GLU B 45 -39.67 -29.25 -7.04
C GLU B 45 -39.82 -27.87 -7.65
N TYR B 46 -40.87 -27.69 -8.46
CA TYR B 46 -41.12 -26.39 -9.08
C TYR B 46 -41.16 -25.29 -8.04
N ASN B 47 -41.88 -25.53 -6.95
CA ASN B 47 -41.96 -24.51 -5.91
C ASN B 47 -40.60 -24.28 -5.25
N ASP B 48 -39.85 -25.36 -5.02
CA ASP B 48 -38.51 -25.21 -4.45
C ASP B 48 -37.58 -24.49 -5.42
N LEU B 49 -37.67 -24.81 -6.72
CA LEU B 49 -36.87 -24.09 -7.70
C LEU B 49 -37.20 -22.59 -7.70
N THR B 50 -38.48 -22.25 -7.62
CA THR B 50 -38.88 -20.85 -7.62
C THR B 50 -38.27 -20.11 -6.44
N LYS B 51 -38.25 -20.74 -5.26
CA LYS B 51 -37.64 -20.12 -4.09
C LYS B 51 -36.13 -20.01 -4.27
N GLU B 52 -35.48 -21.12 -4.60
CA GLU B 52 -34.02 -21.15 -4.71
C GLU B 52 -33.53 -20.15 -5.75
N LYS B 53 -34.28 -19.98 -6.84
CA LYS B 53 -33.90 -18.97 -7.82
C LYS B 53 -34.01 -17.57 -7.22
N SER B 54 -35.14 -17.27 -6.56
CA SER B 54 -35.29 -16.00 -5.88
C SER B 54 -34.24 -15.82 -4.80
N GLU B 55 -33.83 -16.91 -4.16
CA GLU B 55 -32.75 -16.88 -3.19
C GLU B 55 -31.45 -16.39 -3.83
N PHE B 56 -31.02 -17.06 -4.90
CA PHE B 56 -29.76 -16.75 -5.55
C PHE B 56 -29.77 -15.37 -6.20
N LYS B 57 -30.93 -14.91 -6.68
CA LYS B 57 -30.96 -13.60 -7.32
C LYS B 57 -30.67 -12.49 -6.33
N LEU B 58 -31.25 -12.57 -5.13
CA LEU B 58 -31.02 -11.53 -4.13
C LEU B 58 -29.64 -11.64 -3.49
N GLU B 59 -29.12 -12.86 -3.36
CA GLU B 59 -27.77 -13.05 -2.83
C GLU B 59 -26.72 -12.64 -3.85
N LEU B 60 -26.99 -12.86 -5.15
CA LEU B 60 -26.07 -12.39 -6.18
C LEU B 60 -26.01 -10.88 -6.24
N ASP B 61 -27.13 -10.21 -5.95
CA ASP B 61 -27.11 -8.75 -5.88
C ASP B 61 -26.25 -8.25 -4.72
N ASP B 62 -26.14 -9.04 -3.64
CA ASP B 62 -25.31 -8.64 -2.50
C ASP B 62 -23.83 -8.80 -2.80
N VAL B 63 -23.44 -9.99 -3.27
CA VAL B 63 -22.03 -10.24 -3.58
C VAL B 63 -21.57 -9.36 -4.72
N THR B 64 -22.45 -9.06 -5.68
CA THR B 64 -22.02 -8.19 -6.78
C THR B 64 -21.86 -6.76 -6.31
N SER B 65 -22.63 -6.33 -5.30
CA SER B 65 -22.53 -4.95 -4.83
C SER B 65 -21.28 -4.78 -3.95
N ASN B 66 -21.01 -5.77 -3.10
CA ASN B 66 -19.77 -5.78 -2.31
C ASN B 66 -18.53 -5.78 -3.22
N MET B 67 -18.53 -6.65 -4.23
CA MET B 67 -17.39 -6.75 -5.14
C MET B 67 -17.08 -5.40 -5.80
N GLU B 68 -18.12 -4.64 -6.16
CA GLU B 68 -17.89 -3.33 -6.77
C GLU B 68 -17.21 -2.36 -5.80
N GLN B 69 -17.65 -2.36 -4.54
CA GLN B 69 -17.09 -1.43 -3.57
C GLN B 69 -15.69 -1.84 -3.10
N ILE B 70 -15.44 -3.15 -2.98
CA ILE B 70 -14.13 -3.62 -2.55
C ILE B 70 -13.09 -3.35 -3.64
N ILE B 71 -13.49 -3.50 -4.90
CA ILE B 71 -12.59 -3.23 -6.02
C ILE B 71 -12.30 -1.73 -6.11
N LYS B 72 -13.34 -0.90 -6.05
CA LYS B 72 -13.12 0.55 -6.15
C LYS B 72 -12.29 1.06 -4.97
N ALA B 73 -12.51 0.49 -3.78
CA ALA B 73 -11.69 0.85 -2.63
C ALA B 73 -10.25 0.42 -2.82
N LYS B 74 -10.04 -0.80 -3.33
CA LYS B 74 -8.70 -1.31 -3.57
C LYS B 74 -7.93 -0.40 -4.55
N ALA B 75 -8.63 0.17 -5.53
CA ALA B 75 -8.00 1.08 -6.46
C ALA B 75 -7.55 2.38 -5.78
N ASN B 76 -8.43 2.97 -4.95
CA ASN B 76 -8.04 4.18 -4.20
C ASN B 76 -6.92 3.88 -3.21
N LEU B 77 -6.81 2.63 -2.73
CA LEU B 77 -5.73 2.24 -1.84
C LEU B 77 -4.42 2.05 -2.58
N GLU B 78 -4.47 1.47 -3.79
CA GLU B 78 -3.26 1.36 -4.59
C GLU B 78 -2.67 2.74 -4.86
N LYS B 79 -3.53 3.73 -5.09
CA LYS B 79 -3.06 5.09 -5.31
C LYS B 79 -2.45 5.68 -4.03
N MET B 80 -3.17 5.58 -2.91
CA MET B 80 -2.69 6.14 -1.65
C MET B 80 -1.39 5.48 -1.22
N CYS B 81 -1.28 4.16 -1.39
N CYS B 81 -1.31 4.15 -1.37
CA CYS B 81 -0.02 3.51 -1.04
CA CYS B 81 -0.07 3.41 -1.15
C CYS B 81 1.12 3.93 -1.96
C CYS B 81 1.07 4.00 -1.94
N ARG B 82 0.82 4.28 -3.23
CA ARG B 82 1.88 4.81 -4.09
C ARG B 82 2.24 6.23 -3.69
N THR B 83 1.24 7.05 -3.34
CA THR B 83 1.53 8.39 -2.86
C THR B 83 2.38 8.33 -1.57
N LEU B 84 2.09 7.37 -0.69
CA LEU B 84 2.86 7.26 0.53
C LEU B 84 4.28 6.78 0.25
N GLU B 85 4.43 5.84 -0.68
CA GLU B 85 5.75 5.35 -1.04
C GLU B 85 6.61 6.48 -1.62
N ASP B 86 6.05 7.27 -2.54
CA ASP B 86 6.81 8.38 -3.14
C ASP B 86 7.23 9.39 -2.08
N GLN B 87 6.32 9.74 -1.17
CA GLN B 87 6.69 10.63 -0.06
C GLN B 87 7.74 9.99 0.82
N MET B 88 7.65 8.68 1.03
CA MET B 88 8.63 7.96 1.85
C MET B 88 10.01 8.04 1.23
N ASN B 89 10.13 7.66 -0.04
CA ASN B 89 11.41 7.70 -0.72
C ASN B 89 11.98 9.12 -0.77
N GLU B 90 11.10 10.09 -0.97
CA GLU B 90 11.53 11.48 -1.01
C GLU B 90 12.25 11.86 0.27
N HIS B 91 11.68 11.50 1.43
CA HIS B 91 12.29 11.87 2.69
C HIS B 91 13.50 11.00 3.02
N ARG B 92 13.48 9.73 2.61
CA ARG B 92 14.66 8.89 2.77
C ARG B 92 15.86 9.49 2.05
N SER B 93 15.68 9.88 0.79
CA SER B 93 16.78 10.46 0.03
C SER B 93 17.27 11.77 0.64
N LYS B 94 16.36 12.62 1.12
CA LYS B 94 16.79 13.84 1.80
C LYS B 94 17.53 13.53 3.09
N ALA B 95 17.03 12.52 3.84
CA ALA B 95 17.73 12.10 5.05
C ALA B 95 19.13 11.60 4.75
N GLU B 96 19.30 10.82 3.67
CA GLU B 96 20.60 10.28 3.31
C GLU B 96 21.56 11.39 2.90
N GLU B 97 21.10 12.33 2.07
CA GLU B 97 21.93 13.45 1.61
C GLU B 97 22.37 14.34 2.77
N THR B 98 21.46 14.63 3.68
CA THR B 98 21.77 15.56 4.75
C THR B 98 22.68 14.91 5.79
N GLN B 99 22.56 13.58 5.98
CA GLN B 99 23.53 12.88 6.83
C GLN B 99 24.94 12.93 6.24
N ARG B 100 25.04 12.85 4.93
CA ARG B 100 26.33 12.93 4.28
C ARG B 100 26.88 14.34 4.48
N SER B 101 26.03 15.34 4.39
CA SER B 101 26.48 16.72 4.59
C SER B 101 26.91 16.93 6.04
N VAL B 102 26.19 16.32 7.00
CA VAL B 102 26.62 16.35 8.40
C VAL B 102 28.03 15.76 8.57
N ASN B 103 28.28 14.60 7.94
CA ASN B 103 29.57 13.95 8.10
C ASN B 103 30.71 14.77 7.48
N ASP B 104 30.42 15.43 6.36
CA ASP B 104 31.39 16.30 5.67
C ASP B 104 31.77 17.49 6.56
N LEU B 105 30.77 18.18 7.10
CA LEU B 105 31.01 19.36 7.92
C LEU B 105 31.65 18.99 9.26
N THR B 106 31.30 17.82 9.78
CA THR B 106 31.93 17.35 11.02
C THR B 106 33.44 17.17 10.82
N SER B 107 33.86 16.58 9.69
CA SER B 107 35.30 16.46 9.40
C SER B 107 35.93 17.83 9.22
N GLN B 108 35.21 18.77 8.58
CA GLN B 108 35.75 20.11 8.42
C GLN B 108 35.97 20.80 9.76
N VAL B 109 34.98 20.69 10.66
CA VAL B 109 35.11 21.24 11.99
C VAL B 109 36.33 20.66 12.69
N GLU B 110 36.53 19.35 12.57
CA GLU B 110 37.66 18.70 13.25
C GLU B 110 39.00 19.24 12.75
N ASP B 111 39.12 19.37 11.44
CA ASP B 111 40.35 19.87 10.85
C ASP B 111 40.56 21.33 11.22
N LEU B 112 39.50 22.13 11.14
CA LEU B 112 39.63 23.55 11.47
C LEU B 112 40.03 23.75 12.92
N GLU B 113 39.44 22.99 13.84
CA GLU B 113 39.80 23.10 15.25
C GLU B 113 41.29 22.82 15.46
N LYS B 114 41.84 21.80 14.79
CA LYS B 114 43.25 21.47 14.92
C LYS B 114 44.15 22.55 14.32
N GLU B 115 43.78 23.09 13.15
CA GLU B 115 44.57 24.15 12.54
C GLU B 115 44.60 25.40 13.41
N ARG B 116 43.42 25.79 13.90
CA ARG B 116 43.29 26.93 14.81
C ARG B 116 44.17 26.75 16.05
N ASP B 117 44.06 25.58 16.72
CA ASP B 117 44.83 25.33 17.94
C ASP B 117 46.33 25.36 17.65
N PHE B 118 46.69 24.94 16.45
CA PHE B 118 48.06 24.87 16.00
C PHE B 118 48.66 26.26 15.83
N TYR B 119 47.95 27.13 15.10
CA TYR B 119 48.40 28.52 14.96
C TYR B 119 48.44 29.23 16.31
N PHE B 120 47.40 29.04 17.12
CA PHE B 120 47.39 29.64 18.44
C PHE B 120 48.64 29.27 19.25
N GLY B 121 48.99 27.97 19.28
CA GLY B 121 50.18 27.54 20.00
C GLY B 121 51.46 28.17 19.49
N LYS B 122 51.55 28.38 18.17
CA LYS B 122 52.74 29.03 17.61
C LYS B 122 52.81 30.49 18.00
N LEU B 123 51.67 31.19 18.02
CA LEU B 123 51.66 32.61 18.34
C LEU B 123 52.01 32.85 19.82
N ARG B 124 51.51 31.99 20.71
CA ARG B 124 51.89 32.07 22.11
C ARG B 124 53.38 31.76 22.30
N ASN B 125 53.89 30.77 21.56
CA ASN B 125 55.31 30.45 21.63
C ASN B 125 56.14 31.64 21.20
N ILE B 126 55.78 32.23 20.06
CA ILE B 126 56.50 33.39 19.53
C ILE B 126 56.37 34.57 20.47
N GLU B 127 55.21 34.73 21.10
CA GLU B 127 55.05 35.79 22.09
C GLU B 127 56.07 35.63 23.23
N LEU B 128 56.23 34.42 23.73
CA LEU B 128 57.19 34.17 24.80
C LEU B 128 58.64 34.40 24.37
N ILE B 129 58.97 34.08 23.12
CA ILE B 129 60.29 34.41 22.60
C ILE B 129 60.54 35.92 22.64
N CYS B 130 59.55 36.69 22.18
CA CYS B 130 59.71 38.14 22.11
C CYS B 130 59.85 38.77 23.50
N GLN B 131 59.16 38.24 24.52
CA GLN B 131 59.32 38.87 25.82
C GLN B 131 60.61 38.45 26.50
N GLU B 132 61.18 37.30 26.13
CA GLU B 132 62.50 36.92 26.61
C GLU B 132 63.59 37.87 26.10
N ASN B 133 63.29 38.66 25.07
CA ASN B 133 64.27 39.54 24.44
C ASN B 133 63.77 40.97 24.33
N GLU B 134 62.77 41.35 25.12
CA GLU B 134 62.31 42.73 25.13
C GLU B 134 63.38 43.70 25.63
N GLY B 135 64.49 43.20 26.16
CA GLY B 135 65.54 44.08 26.65
C GLY B 135 66.31 44.78 25.54
N GLU B 136 66.68 44.03 24.50
CA GLU B 136 67.47 44.61 23.41
C GLU B 136 66.72 45.69 22.64
N ASN B 137 65.40 45.80 22.83
CA ASN B 137 64.57 46.80 22.17
C ASN B 137 64.81 46.82 20.67
N ASP B 138 64.77 45.62 20.08
CA ASP B 138 64.89 45.43 18.64
C ASP B 138 63.62 45.94 17.97
N PRO B 139 63.71 46.86 17.00
CA PRO B 139 62.51 47.34 16.33
C PRO B 139 61.81 46.27 15.52
N VAL B 140 62.55 45.30 14.97
CA VAL B 140 61.90 44.21 14.25
C VAL B 140 61.02 43.43 15.22
N LEU B 141 61.56 43.11 16.41
CA LEU B 141 60.78 42.40 17.40
C LEU B 141 59.54 43.19 17.84
N GLN B 142 59.65 44.52 17.95
CA GLN B 142 58.49 45.32 18.37
C GLN B 142 57.42 45.31 17.31
N ARG B 143 57.84 45.30 16.04
CA ARG B 143 56.91 45.14 14.93
C ARG B 143 56.16 43.82 15.04
N ILE B 144 56.87 42.74 15.42
CA ILE B 144 56.24 41.44 15.55
C ILE B 144 55.29 41.42 16.73
N VAL B 145 55.67 42.08 17.84
CA VAL B 145 54.81 42.18 19.02
C VAL B 145 53.53 42.96 18.70
N ASP B 146 53.64 44.01 17.89
CA ASP B 146 52.46 44.78 17.51
C ASP B 146 51.47 43.90 16.78
N ILE B 147 51.98 43.01 15.95
CA ILE B 147 51.12 42.07 15.23
C ILE B 147 50.48 41.08 16.20
N LEU B 148 51.28 40.53 17.12
CA LEU B 148 50.79 39.54 18.07
C LEU B 148 49.63 40.06 18.91
N TYR B 149 49.69 41.33 19.28
CA TYR B 149 48.70 41.95 20.15
C TYR B 149 47.60 42.66 19.38
N ALA B 150 47.64 42.66 18.05
CA ALA B 150 46.60 43.35 17.29
C ALA B 150 45.24 42.68 17.48
N THR B 151 44.22 43.50 17.64
CA THR B 151 42.84 43.06 17.78
C THR B 151 42.21 42.80 16.42
N ASP B 152 41.19 41.94 16.41
CA ASP B 152 40.47 41.58 15.19
C ASP B 152 39.83 42.82 14.57
N GLU B 153 40.33 43.21 13.40
CA GLU B 153 39.93 44.44 12.71
C GLU B 153 40.27 45.65 13.57
#